data_4NWI
#
_entry.id   4NWI
#
_cell.length_a   46.600
_cell.length_b   99.350
_cell.length_c   72.810
_cell.angle_alpha   90.00
_cell.angle_beta   92.46
_cell.angle_gamma   90.00
#
_symmetry.space_group_name_H-M   'P 1 21 1'
#
loop_
_entity.id
_entity.type
_entity.pdbx_description
1 polymer "7-methylguanosine phosphate-specific 5'-nucleotidase"
2 non-polymer 'MAGNESIUM ION'
3 non-polymer 4-AMINO-1-BETA-D-RIBOFURANOSYL-2(1H)-PYRIMIDINONE
4 non-polymer 'CHLORIDE ION'
5 water water
#
_entity_poly.entity_id   1
_entity_poly.type   'polypeptide(L)'
_entity_poly.pdbx_seq_one_letter_code
;MGFDEKREPTGGRLRLQDIPALTQDHCRMRDPAEVERIINEFVIGGPERMQIVSDFDYTITKQRTEDGGAVPSSFGIFNA
CQSLPENFKAETDKLYHKYRPIEIDPHMPIAEKVQYMIEWWTKSGELTSGFPFDQSEIDQIASKYTHALRDRTHEFFADL
QRLGIPTLVFSAGLGNSVVSVLRQANVLHPNVKVVSNFLQFRDGLLDGFQQPMIHTFNKNETVLNETSEYYDLVHTRDHI
IVMGDSIGDADMASGVPASSHIMKIGFLFDHVEANMKKYMDTFDIVLVDDQTMDVPRTLLSLIEKQHKLNLEAPKQSSL
;
_entity_poly.pdbx_strand_id   A,B
#
loop_
_chem_comp.id
_chem_comp.type
_chem_comp.name
_chem_comp.formula
CL non-polymer 'CHLORIDE ION' 'Cl -1'
CTN non-polymer 4-AMINO-1-BETA-D-RIBOFURANOSYL-2(1H)-PYRIMIDINONE 'C9 H13 N3 O5'
MG non-polymer 'MAGNESIUM ION' 'Mg 2'
#
# COMPACT_ATOMS: atom_id res chain seq x y z
N ARG A 13 -41.82 -14.66 3.23
CA ARG A 13 -42.41 -15.92 2.77
C ARG A 13 -41.61 -16.50 1.59
N LEU A 14 -40.74 -15.69 1.02
CA LEU A 14 -39.88 -16.16 -0.06
C LEU A 14 -38.76 -17.06 0.46
N ARG A 15 -38.59 -18.21 -0.17
CA ARG A 15 -37.51 -19.13 0.18
C ARG A 15 -36.41 -19.11 -0.87
N LEU A 16 -35.17 -19.22 -0.43
CA LEU A 16 -34.03 -19.15 -1.34
C LEU A 16 -34.03 -20.25 -2.39
N GLN A 17 -34.48 -21.44 -2.00
CA GLN A 17 -34.52 -22.57 -2.93
C GLN A 17 -35.52 -22.38 -4.06
N ASP A 18 -36.35 -21.35 -3.97
CA ASP A 18 -37.32 -21.04 -5.00
C ASP A 18 -36.88 -19.88 -5.88
N ILE A 19 -35.65 -19.42 -5.66
CA ILE A 19 -35.08 -18.31 -6.42
C ILE A 19 -33.85 -18.78 -7.19
N PRO A 20 -34.05 -19.20 -8.46
CA PRO A 20 -33.08 -19.91 -9.31
C PRO A 20 -31.68 -19.27 -9.40
N ALA A 21 -31.63 -17.94 -9.55
CA ALA A 21 -30.35 -17.25 -9.73
C ALA A 21 -29.47 -17.33 -8.49
N LEU A 22 -30.09 -17.53 -7.33
N LEU A 22 -30.10 -17.51 -7.33
CA LEU A 22 -29.37 -17.60 -6.07
CA LEU A 22 -29.39 -17.60 -6.06
C LEU A 22 -28.89 -19.02 -5.79
C LEU A 22 -28.89 -19.02 -5.80
N THR A 23 -29.48 -19.98 -6.50
CA THR A 23 -29.17 -21.40 -6.28
C THR A 23 -28.02 -21.91 -7.16
N GLN A 24 -27.55 -21.07 -8.08
CA GLN A 24 -26.50 -21.47 -9.01
C GLN A 24 -25.14 -21.60 -8.32
N ASP A 25 -24.24 -22.38 -8.90
CA ASP A 25 -22.96 -22.71 -8.27
C ASP A 25 -22.08 -21.50 -7.94
N HIS A 26 -22.14 -20.47 -8.76
CA HIS A 26 -21.26 -19.31 -8.58
C HIS A 26 -21.74 -18.35 -7.50
N CYS A 27 -22.95 -18.58 -6.99
CA CYS A 27 -23.51 -17.72 -5.95
C CYS A 27 -23.15 -18.22 -4.55
N ARG A 28 -22.15 -17.57 -3.95
CA ARG A 28 -21.70 -17.95 -2.61
C ARG A 28 -22.30 -17.04 -1.55
N MET A 29 -22.78 -17.63 -0.45
CA MET A 29 -23.37 -16.88 0.65
C MET A 29 -22.91 -17.42 2.00
N ARG A 30 -22.40 -16.55 2.85
CA ARG A 30 -21.96 -16.97 4.19
C ARG A 30 -23.15 -17.48 5.01
N ASP A 31 -24.30 -16.83 4.84
CA ASP A 31 -25.49 -17.12 5.61
C ASP A 31 -26.71 -16.88 4.73
N PRO A 32 -27.15 -17.91 4.01
CA PRO A 32 -28.32 -17.85 3.11
C PRO A 32 -29.60 -17.46 3.84
N ALA A 33 -29.68 -17.76 5.14
CA ALA A 33 -30.85 -17.42 5.93
C ALA A 33 -31.02 -15.90 6.07
N GLU A 34 -29.93 -15.22 6.41
CA GLU A 34 -29.96 -13.77 6.53
C GLU A 34 -30.26 -13.13 5.19
N VAL A 35 -29.67 -13.67 4.12
CA VAL A 35 -29.93 -13.19 2.77
C VAL A 35 -31.42 -13.28 2.45
N GLU A 36 -31.99 -14.44 2.73
CA GLU A 36 -33.42 -14.69 2.52
C GLU A 36 -34.28 -13.69 3.30
N ARG A 37 -33.93 -13.48 4.57
CA ARG A 37 -34.65 -12.52 5.39
C ARG A 37 -34.59 -11.11 4.81
N ILE A 38 -33.41 -10.69 4.40
CA ILE A 38 -33.21 -9.38 3.81
C ILE A 38 -34.05 -9.22 2.55
N ILE A 39 -34.07 -10.25 1.71
CA ILE A 39 -34.89 -10.24 0.50
C ILE A 39 -36.35 -10.04 0.86
N ASN A 40 -36.83 -10.80 1.83
CA ASN A 40 -38.21 -10.62 2.29
C ASN A 40 -38.50 -9.22 2.82
N GLU A 41 -37.51 -8.61 3.47
CA GLU A 41 -37.67 -7.23 3.95
C GLU A 41 -37.81 -6.27 2.78
N PHE A 42 -36.95 -6.46 1.78
CA PHE A 42 -37.00 -5.69 0.54
C PHE A 42 -38.37 -5.77 -0.09
N VAL A 43 -38.88 -6.99 -0.25
CA VAL A 43 -40.17 -7.18 -0.93
C VAL A 43 -41.38 -6.70 -0.12
N ILE A 44 -41.33 -6.85 1.20
CA ILE A 44 -42.39 -6.27 2.04
C ILE A 44 -42.36 -4.75 1.94
N GLY A 45 -41.15 -4.20 1.85
CA GLY A 45 -40.95 -2.75 1.85
C GLY A 45 -41.39 -2.06 0.57
N GLY A 46 -41.23 -2.71 -0.57
CA GLY A 46 -41.61 -2.10 -1.84
C GLY A 46 -40.48 -1.29 -2.45
N PRO A 47 -40.59 -1.02 -3.77
CA PRO A 47 -39.57 -0.26 -4.50
C PRO A 47 -39.38 1.14 -3.94
N GLU A 48 -40.43 1.72 -3.37
CA GLU A 48 -40.38 3.11 -2.90
C GLU A 48 -39.43 3.33 -1.70
N ARG A 49 -38.89 2.24 -1.17
CA ARG A 49 -37.93 2.32 -0.08
C ARG A 49 -36.58 1.74 -0.49
N MET A 50 -36.44 1.43 -1.78
CA MET A 50 -35.21 0.85 -2.33
C MET A 50 -34.26 1.93 -2.85
N GLN A 51 -32.96 1.69 -2.71
CA GLN A 51 -31.96 2.50 -3.37
C GLN A 51 -30.74 1.67 -3.75
N ILE A 52 -30.05 2.11 -4.80
CA ILE A 52 -28.90 1.37 -5.32
C ILE A 52 -27.63 2.21 -5.23
N VAL A 53 -26.56 1.57 -4.77
CA VAL A 53 -25.24 2.20 -4.76
C VAL A 53 -24.26 1.26 -5.43
N SER A 54 -23.75 1.64 -6.59
CA SER A 54 -22.90 0.74 -7.35
C SER A 54 -21.55 1.36 -7.73
N ASP A 55 -20.49 0.56 -7.63
CA ASP A 55 -19.18 0.92 -8.14
C ASP A 55 -19.29 0.90 -9.66
N PHE A 56 -18.36 1.55 -10.35
CA PHE A 56 -18.37 1.52 -11.80
C PHE A 56 -17.39 0.50 -12.38
N ASP A 57 -16.10 0.79 -12.23
CA ASP A 57 -15.06 0.00 -12.89
C ASP A 57 -15.05 -1.47 -12.49
N TYR A 58 -15.35 -2.31 -13.46
CA TYR A 58 -15.34 -3.77 -13.33
C TYR A 58 -16.44 -4.27 -12.40
N THR A 59 -17.44 -3.42 -12.21
CA THR A 59 -18.71 -3.81 -11.62
C THR A 59 -19.79 -3.62 -12.67
N ILE A 60 -19.86 -2.40 -13.21
CA ILE A 60 -20.77 -2.10 -14.32
C ILE A 60 -20.13 -2.54 -15.63
N THR A 61 -18.83 -2.27 -15.79
CA THR A 61 -18.07 -2.86 -16.88
C THR A 61 -17.65 -4.29 -16.51
N LYS A 62 -17.24 -5.07 -17.50
CA LYS A 62 -16.94 -6.48 -17.28
C LYS A 62 -15.51 -6.73 -16.81
N GLN A 63 -15.35 -7.66 -15.87
CA GLN A 63 -14.04 -8.10 -15.43
C GLN A 63 -13.51 -9.09 -16.45
N ARG A 64 -14.44 -9.88 -17.00
CA ARG A 64 -14.12 -10.83 -18.06
C ARG A 64 -15.06 -10.59 -19.24
N THR A 65 -14.49 -10.19 -20.36
CA THR A 65 -15.27 -9.95 -21.57
C THR A 65 -15.59 -11.31 -22.19
N GLU A 66 -16.76 -11.44 -22.80
CA GLU A 66 -17.11 -12.64 -23.54
C GLU A 66 -16.04 -12.87 -24.61
N ASP A 67 -15.65 -11.77 -25.26
CA ASP A 67 -14.54 -11.75 -26.19
C ASP A 67 -13.25 -11.66 -25.36
N GLY A 68 -12.11 -11.94 -25.98
CA GLY A 68 -10.85 -11.85 -25.26
C GLY A 68 -10.44 -10.43 -24.95
N GLY A 69 -11.24 -9.48 -25.43
CA GLY A 69 -10.91 -8.06 -25.38
C GLY A 69 -10.80 -7.45 -24.01
N ALA A 70 -9.81 -6.56 -23.85
CA ALA A 70 -9.57 -5.88 -22.59
C ALA A 70 -10.44 -4.64 -22.44
N VAL A 71 -10.91 -4.37 -21.22
CA VAL A 71 -11.69 -3.17 -20.93
C VAL A 71 -10.91 -2.22 -20.01
N PRO A 72 -10.65 -0.99 -20.50
CA PRO A 72 -9.91 0.02 -19.73
C PRO A 72 -10.77 0.69 -18.65
N SER A 73 -10.14 1.23 -17.62
CA SER A 73 -10.85 1.97 -16.57
C SER A 73 -11.30 3.35 -17.08
N SER A 74 -12.03 4.08 -16.25
CA SER A 74 -12.44 5.44 -16.57
C SER A 74 -11.23 6.33 -16.87
N PHE A 75 -10.27 6.29 -15.96
CA PHE A 75 -9.00 6.97 -16.14
C PHE A 75 -8.31 6.46 -17.39
N GLY A 76 -8.43 5.16 -17.65
CA GLY A 76 -7.88 4.58 -18.86
C GLY A 76 -8.54 5.13 -20.12
N ILE A 77 -9.85 5.38 -20.01
CA ILE A 77 -10.59 5.96 -21.12
C ILE A 77 -10.13 7.40 -21.37
N PHE A 78 -9.92 8.17 -20.31
CA PHE A 78 -9.40 9.52 -20.46
C PHE A 78 -7.99 9.54 -21.06
N ASN A 79 -7.07 8.78 -20.47
CA ASN A 79 -5.66 8.82 -20.86
C ASN A 79 -5.39 8.33 -22.27
N ALA A 80 -6.41 7.82 -22.94
CA ALA A 80 -6.26 7.26 -24.28
C ALA A 80 -6.75 8.23 -25.35
N CYS A 81 -6.94 9.49 -24.97
CA CYS A 81 -7.39 10.53 -25.90
C CYS A 81 -6.20 11.18 -26.62
N GLN A 82 -6.47 11.74 -27.80
CA GLN A 82 -5.41 12.30 -28.64
C GLN A 82 -5.11 13.76 -28.29
N SER A 83 -6.12 14.46 -27.78
CA SER A 83 -5.99 15.88 -27.45
C SER A 83 -5.00 16.13 -26.30
N LEU A 84 -4.59 15.06 -25.63
CA LEU A 84 -3.61 15.14 -24.55
C LEU A 84 -2.24 15.55 -25.09
N PRO A 85 -1.49 16.33 -24.29
CA PRO A 85 -0.08 16.63 -24.56
C PRO A 85 0.72 15.33 -24.66
N GLU A 86 1.80 15.33 -25.44
CA GLU A 86 2.57 14.11 -25.70
C GLU A 86 3.31 13.55 -24.48
N ASN A 87 3.30 14.30 -23.38
CA ASN A 87 4.02 13.95 -22.16
C ASN A 87 3.10 13.26 -21.13
N PHE A 88 1.81 13.47 -21.33
CA PHE A 88 0.79 13.10 -20.35
C PHE A 88 0.70 11.61 -20.06
N LYS A 89 0.61 10.78 -21.09
CA LYS A 89 0.51 9.33 -20.89
C LYS A 89 1.78 8.78 -20.23
N ALA A 90 2.93 9.38 -20.56
CA ALA A 90 4.17 9.04 -19.89
C ALA A 90 4.07 9.31 -18.39
N GLU A 91 3.74 10.56 -18.03
CA GLU A 91 3.66 10.94 -16.62
C GLU A 91 2.61 10.16 -15.82
N THR A 92 1.43 9.92 -16.41
CA THR A 92 0.38 9.13 -15.77
C THR A 92 0.78 7.65 -15.64
N ASP A 93 1.55 7.16 -16.61
CA ASP A 93 2.10 5.82 -16.52
C ASP A 93 3.06 5.72 -15.35
N LYS A 94 3.89 6.75 -15.18
CA LYS A 94 4.82 6.79 -14.06
C LYS A 94 4.09 6.82 -12.72
N LEU A 95 3.10 7.71 -12.61
CA LEU A 95 2.28 7.80 -11.40
C LEU A 95 1.60 6.47 -11.06
N TYR A 96 1.02 5.83 -12.07
CA TYR A 96 0.32 4.56 -11.90
C TYR A 96 1.29 3.49 -11.44
N HIS A 97 2.43 3.40 -12.12
CA HIS A 97 3.47 2.42 -11.80
C HIS A 97 3.94 2.63 -10.36
N LYS A 98 3.88 3.88 -9.91
CA LYS A 98 4.29 4.22 -8.56
C LYS A 98 3.26 3.84 -7.47
N TYR A 99 2.00 4.21 -7.68
CA TYR A 99 1.00 4.13 -6.62
C TYR A 99 0.06 2.92 -6.66
N ARG A 100 -0.08 2.31 -7.83
CA ARG A 100 -0.93 1.10 -7.97
C ARG A 100 -0.50 -0.07 -7.07
N PRO A 101 0.81 -0.38 -6.99
CA PRO A 101 1.23 -1.42 -6.04
C PRO A 101 0.83 -1.10 -4.61
N ILE A 102 0.86 0.18 -4.22
CA ILE A 102 0.48 0.60 -2.88
C ILE A 102 -1.01 0.44 -2.64
N GLU A 103 -1.81 0.76 -3.66
CA GLU A 103 -3.27 0.69 -3.56
C GLU A 103 -3.77 -0.70 -3.21
N ILE A 104 -3.10 -1.73 -3.74
CA ILE A 104 -3.53 -3.11 -3.57
C ILE A 104 -2.62 -3.89 -2.60
N ASP A 105 -1.99 -3.18 -1.68
CA ASP A 105 -1.08 -3.82 -0.73
C ASP A 105 -1.85 -4.35 0.48
N PRO A 106 -1.90 -5.68 0.62
CA PRO A 106 -2.67 -6.31 1.71
C PRO A 106 -2.09 -6.01 3.09
N HIS A 107 -0.77 -6.00 3.21
CA HIS A 107 -0.09 -5.82 4.49
C HIS A 107 -0.25 -4.41 5.04
N MET A 108 -0.30 -3.43 4.14
CA MET A 108 -0.41 -2.04 4.56
C MET A 108 -1.83 -1.70 5.01
N PRO A 109 -1.96 -1.13 6.22
CA PRO A 109 -3.26 -0.67 6.73
C PRO A 109 -3.84 0.40 5.82
N ILE A 110 -5.16 0.58 5.85
CA ILE A 110 -5.83 1.63 5.08
C ILE A 110 -5.38 3.01 5.55
N ALA A 111 -5.23 3.16 6.86
CA ALA A 111 -4.81 4.41 7.47
C ALA A 111 -3.38 4.83 7.10
N GLU A 112 -2.68 3.97 6.36
CA GLU A 112 -1.36 4.31 5.84
C GLU A 112 -1.44 4.53 4.33
N LYS A 113 -2.36 3.80 3.71
CA LYS A 113 -2.63 3.91 2.28
C LYS A 113 -3.18 5.28 1.89
N VAL A 114 -3.99 5.87 2.77
CA VAL A 114 -4.77 7.05 2.43
C VAL A 114 -3.84 8.19 2.02
N GLN A 115 -2.74 8.35 2.73
CA GLN A 115 -1.78 9.41 2.40
C GLN A 115 -1.24 9.29 0.98
N TYR A 116 -0.84 8.07 0.64
CA TYR A 116 -0.29 7.77 -0.69
C TYR A 116 -1.33 7.91 -1.80
N MET A 117 -2.57 7.50 -1.51
CA MET A 117 -3.65 7.68 -2.48
C MET A 117 -3.91 9.15 -2.72
N ILE A 118 -3.90 9.92 -1.62
CA ILE A 118 -3.99 11.37 -1.69
C ILE A 118 -2.89 11.90 -2.60
N GLU A 119 -1.66 11.41 -2.42
CA GLU A 119 -0.54 11.78 -3.31
C GLU A 119 -0.87 11.50 -4.77
N TRP A 120 -1.31 10.28 -5.06
CA TRP A 120 -1.66 9.86 -6.42
C TRP A 120 -2.68 10.80 -7.06
N TRP A 121 -3.84 10.92 -6.43
CA TRP A 121 -4.91 11.77 -6.97
C TRP A 121 -4.50 13.23 -7.12
N THR A 122 -3.76 13.75 -6.14
CA THR A 122 -3.25 15.12 -6.19
C THR A 122 -2.35 15.34 -7.41
N LYS A 123 -1.31 14.51 -7.52
CA LYS A 123 -0.38 14.60 -8.64
C LYS A 123 -1.06 14.43 -9.98
N SER A 124 -2.07 13.57 -10.03
CA SER A 124 -2.83 13.34 -11.25
C SER A 124 -3.64 14.57 -11.65
N GLY A 125 -4.34 15.15 -10.68
CA GLY A 125 -5.11 16.35 -10.90
C GLY A 125 -4.22 17.46 -11.39
N GLU A 126 -3.04 17.58 -10.78
CA GLU A 126 -2.09 18.61 -11.19
C GLU A 126 -1.50 18.32 -12.57
N LEU A 127 -1.40 17.05 -12.92
CA LEU A 127 -1.00 16.66 -14.26
C LEU A 127 -2.03 17.09 -15.32
N THR A 128 -3.31 16.93 -14.99
CA THR A 128 -4.38 17.28 -15.89
C THR A 128 -4.77 18.75 -15.73
N SER A 129 -3.84 19.64 -16.05
CA SER A 129 -4.07 21.08 -15.89
C SER A 129 -3.43 21.88 -17.02
N GLY A 130 -3.98 23.07 -17.27
CA GLY A 130 -3.35 24.03 -18.16
C GLY A 130 -3.56 23.86 -19.66
N PHE A 131 -4.15 22.75 -20.07
CA PHE A 131 -4.46 22.55 -21.48
C PHE A 131 -5.97 22.37 -21.69
N PRO A 132 -6.50 22.89 -22.80
CA PRO A 132 -7.94 22.74 -23.06
C PRO A 132 -8.25 21.30 -23.44
N PHE A 133 -9.50 20.88 -23.29
CA PHE A 133 -9.89 19.52 -23.59
C PHE A 133 -11.37 19.40 -23.93
N ASP A 134 -11.67 18.60 -24.94
CA ASP A 134 -13.05 18.45 -25.40
C ASP A 134 -13.66 17.11 -25.02
N GLN A 135 -14.87 17.18 -24.48
CA GLN A 135 -15.64 16.02 -24.06
C GLN A 135 -15.82 14.96 -25.16
N SER A 136 -15.87 15.41 -26.41
CA SER A 136 -16.16 14.54 -27.55
C SER A 136 -15.07 13.49 -27.81
N GLU A 137 -13.85 13.79 -27.34
CA GLU A 137 -12.74 12.85 -27.41
C GLU A 137 -13.06 11.67 -26.49
N ILE A 138 -13.33 12.02 -25.24
CA ILE A 138 -13.80 11.06 -24.26
C ILE A 138 -14.93 10.23 -24.84
N ASP A 139 -15.93 10.89 -25.40
CA ASP A 139 -17.08 10.21 -25.99
C ASP A 139 -16.66 9.21 -27.06
N GLN A 140 -15.72 9.64 -27.90
CA GLN A 140 -15.22 8.80 -28.99
C GLN A 140 -14.56 7.55 -28.42
N ILE A 141 -13.82 7.69 -27.32
CA ILE A 141 -13.22 6.53 -26.68
C ILE A 141 -14.26 5.61 -26.04
N ALA A 142 -15.21 6.23 -25.33
CA ALA A 142 -16.20 5.54 -24.53
C ALA A 142 -17.20 4.75 -25.36
N SER A 143 -17.45 5.22 -26.58
CA SER A 143 -18.40 4.55 -27.48
C SER A 143 -17.96 3.13 -27.87
N LYS A 144 -16.67 2.84 -27.76
CA LYS A 144 -16.14 1.53 -28.14
C LYS A 144 -16.30 0.49 -27.03
N TYR A 145 -16.81 0.91 -25.87
CA TYR A 145 -16.89 0.01 -24.72
C TYR A 145 -18.28 -0.07 -24.10
N THR A 146 -19.27 0.47 -24.82
CA THR A 146 -20.67 0.33 -24.43
C THR A 146 -21.09 -1.14 -24.52
N HIS A 147 -20.36 -1.91 -25.33
N HIS A 147 -20.37 -1.91 -25.34
CA HIS A 147 -20.63 -3.32 -25.52
CA HIS A 147 -20.62 -3.33 -25.53
C HIS A 147 -19.98 -4.15 -24.41
C HIS A 147 -19.97 -4.16 -24.42
N ALA A 148 -19.25 -3.49 -23.53
CA ALA A 148 -18.48 -4.16 -22.49
C ALA A 148 -19.06 -4.01 -21.10
N LEU A 149 -20.34 -3.64 -21.01
CA LEU A 149 -21.03 -3.64 -19.72
C LEU A 149 -21.46 -5.07 -19.45
N ARG A 150 -21.71 -5.38 -18.17
CA ARG A 150 -22.22 -6.70 -17.81
C ARG A 150 -23.52 -6.97 -18.55
N ASP A 151 -23.75 -8.24 -18.89
CA ASP A 151 -24.96 -8.63 -19.59
C ASP A 151 -26.19 -8.24 -18.79
N ARG A 152 -27.18 -7.67 -19.48
CA ARG A 152 -28.43 -7.21 -18.87
C ARG A 152 -28.32 -5.97 -17.98
N THR A 153 -27.26 -5.19 -18.18
CA THR A 153 -27.10 -3.92 -17.47
C THR A 153 -28.20 -2.95 -17.93
N HIS A 154 -28.45 -2.92 -19.23
CA HIS A 154 -29.47 -2.06 -19.82
C HIS A 154 -30.84 -2.38 -19.22
N GLU A 155 -31.15 -3.68 -19.12
CA GLU A 155 -32.41 -4.11 -18.54
C GLU A 155 -32.48 -3.80 -17.04
N PHE A 156 -31.34 -3.88 -16.37
CA PHE A 156 -31.23 -3.58 -14.95
C PHE A 156 -31.57 -2.12 -14.67
N PHE A 157 -30.92 -1.22 -15.39
CA PHE A 157 -31.21 0.20 -15.26
C PHE A 157 -32.62 0.55 -15.74
N ALA A 158 -33.10 -0.20 -16.74
CA ALA A 158 -34.49 -0.03 -17.19
C ALA A 158 -35.44 -0.33 -16.03
N ASP A 159 -35.17 -1.42 -15.32
CA ASP A 159 -35.93 -1.80 -14.13
C ASP A 159 -35.90 -0.69 -13.11
N LEU A 160 -34.68 -0.25 -12.78
CA LEU A 160 -34.48 0.80 -11.80
C LEU A 160 -35.26 2.07 -12.11
N GLN A 161 -35.15 2.55 -13.34
CA GLN A 161 -35.92 3.72 -13.78
C GLN A 161 -37.41 3.49 -13.66
N ARG A 162 -37.87 2.34 -14.17
CA ARG A 162 -39.30 2.01 -14.16
C ARG A 162 -39.90 1.99 -12.76
N LEU A 163 -39.08 1.62 -11.78
CA LEU A 163 -39.53 1.51 -10.40
C LEU A 163 -39.29 2.80 -9.64
N GLY A 164 -38.65 3.76 -10.29
CA GLY A 164 -38.36 5.05 -9.69
C GLY A 164 -37.35 4.95 -8.57
N ILE A 165 -36.45 3.97 -8.69
CA ILE A 165 -35.47 3.70 -7.65
C ILE A 165 -34.20 4.52 -7.89
N PRO A 166 -33.86 5.39 -6.93
CA PRO A 166 -32.65 6.19 -7.02
C PRO A 166 -31.43 5.29 -7.13
N THR A 167 -30.60 5.53 -8.15
CA THR A 167 -29.41 4.72 -8.37
C THR A 167 -28.16 5.59 -8.40
N LEU A 168 -27.23 5.29 -7.50
CA LEU A 168 -25.99 6.05 -7.41
C LEU A 168 -24.80 5.25 -7.93
N VAL A 169 -24.06 5.84 -8.86
CA VAL A 169 -22.78 5.27 -9.28
C VAL A 169 -21.67 6.02 -8.54
N PHE A 170 -21.09 5.33 -7.55
CA PHE A 170 -20.10 5.88 -6.65
C PHE A 170 -18.73 5.40 -7.13
N SER A 171 -17.92 6.32 -7.66
CA SER A 171 -16.66 5.92 -8.27
C SER A 171 -15.48 6.80 -7.88
N ALA A 172 -14.35 6.17 -7.60
CA ALA A 172 -13.11 6.90 -7.31
C ALA A 172 -12.33 7.15 -8.59
N GLY A 173 -12.99 6.91 -9.73
CA GLY A 173 -12.36 7.07 -11.02
C GLY A 173 -12.54 8.45 -11.60
N LEU A 174 -12.60 8.54 -12.93
CA LEU A 174 -12.82 9.82 -13.60
C LEU A 174 -14.27 9.93 -14.08
N GLY A 175 -15.05 10.75 -13.40
CA GLY A 175 -16.47 10.85 -13.64
C GLY A 175 -16.92 11.16 -15.06
N ASN A 176 -16.13 11.93 -15.79
CA ASN A 176 -16.45 12.25 -17.18
C ASN A 176 -16.55 11.00 -18.06
N SER A 177 -15.59 10.10 -17.89
CA SER A 177 -15.57 8.84 -18.63
C SER A 177 -16.74 7.95 -18.23
N VAL A 178 -16.98 7.85 -16.92
CA VAL A 178 -18.09 7.07 -16.39
C VAL A 178 -19.40 7.52 -17.02
N VAL A 179 -19.67 8.81 -16.91
CA VAL A 179 -20.87 9.42 -17.45
C VAL A 179 -20.96 9.25 -18.96
N SER A 180 -19.82 9.28 -19.63
CA SER A 180 -19.81 9.10 -21.08
C SER A 180 -20.23 7.67 -21.46
N VAL A 181 -19.64 6.69 -20.79
CA VAL A 181 -19.98 5.28 -21.01
C VAL A 181 -21.45 5.02 -20.72
N LEU A 182 -21.92 5.51 -19.58
CA LEU A 182 -23.31 5.30 -19.17
C LEU A 182 -24.29 5.98 -20.12
N ARG A 183 -23.97 7.20 -20.54
CA ARG A 183 -24.83 7.94 -21.47
C ARG A 183 -24.91 7.24 -22.81
N GLN A 184 -23.75 6.89 -23.37
CA GLN A 184 -23.72 6.24 -24.68
C GLN A 184 -24.29 4.82 -24.64
N ALA A 185 -24.33 4.23 -23.45
CA ALA A 185 -24.94 2.91 -23.28
C ALA A 185 -26.44 3.04 -23.11
N ASN A 186 -26.94 4.26 -23.20
CA ASN A 186 -28.37 4.56 -23.03
C ASN A 186 -28.91 4.04 -21.71
N VAL A 187 -28.16 4.32 -20.64
CA VAL A 187 -28.43 3.76 -19.33
C VAL A 187 -28.51 4.86 -18.27
N LEU A 188 -27.95 6.02 -18.60
CA LEU A 188 -27.94 7.16 -17.70
C LEU A 188 -29.31 7.85 -17.67
N HIS A 189 -30.24 7.26 -16.95
CA HIS A 189 -31.60 7.76 -16.84
C HIS A 189 -31.68 8.82 -15.73
N PRO A 190 -32.77 9.60 -15.68
CA PRO A 190 -32.93 10.62 -14.65
C PRO A 190 -32.74 10.14 -13.21
N ASN A 191 -33.00 8.86 -12.95
CA ASN A 191 -32.87 8.32 -11.60
C ASN A 191 -31.42 7.96 -11.24
N VAL A 192 -30.53 8.09 -12.22
CA VAL A 192 -29.13 7.73 -12.03
C VAL A 192 -28.26 8.96 -11.78
N LYS A 193 -27.62 9.01 -10.62
CA LYS A 193 -26.67 10.06 -10.32
C LYS A 193 -25.26 9.47 -10.25
N VAL A 194 -24.26 10.28 -10.51
CA VAL A 194 -22.88 9.83 -10.46
C VAL A 194 -22.06 10.72 -9.54
N VAL A 195 -21.44 10.11 -8.53
CA VAL A 195 -20.53 10.85 -7.66
C VAL A 195 -19.11 10.32 -7.85
N SER A 196 -18.23 11.19 -8.34
CA SER A 196 -16.89 10.75 -8.73
C SER A 196 -15.94 11.95 -8.77
N ASN A 197 -14.76 11.74 -9.37
CA ASN A 197 -13.84 12.84 -9.59
C ASN A 197 -14.05 13.43 -10.98
N PHE A 198 -14.65 14.62 -11.04
CA PHE A 198 -14.95 15.25 -12.32
C PHE A 198 -13.95 16.33 -12.71
N LEU A 199 -13.66 16.42 -14.00
CA LEU A 199 -12.70 17.40 -14.51
C LEU A 199 -13.14 18.82 -14.17
N GLN A 200 -12.16 19.67 -13.87
CA GLN A 200 -12.43 21.06 -13.55
C GLN A 200 -11.90 21.93 -14.69
N PHE A 201 -12.74 22.84 -15.18
CA PHE A 201 -12.37 23.70 -16.31
C PHE A 201 -12.34 25.17 -15.89
N ARG A 202 -11.18 25.81 -16.09
CA ARG A 202 -11.02 27.25 -15.83
C ARG A 202 -10.63 28.01 -17.11
N ASP A 203 -11.39 29.05 -17.45
CA ASP A 203 -11.09 29.91 -18.61
C ASP A 203 -10.73 29.11 -19.86
N GLY A 204 -11.52 28.08 -20.14
CA GLY A 204 -11.32 27.25 -21.31
C GLY A 204 -10.21 26.22 -21.15
N LEU A 205 -9.64 26.14 -19.96
CA LEU A 205 -8.55 25.20 -19.69
C LEU A 205 -8.89 24.24 -18.56
N LEU A 206 -8.24 23.07 -18.58
CA LEU A 206 -8.37 22.11 -17.48
C LEU A 206 -7.66 22.63 -16.24
N ASP A 207 -8.21 22.33 -15.08
CA ASP A 207 -7.62 22.75 -13.81
C ASP A 207 -7.81 21.66 -12.76
N GLY A 208 -7.34 20.47 -13.08
CA GLY A 208 -7.44 19.34 -12.17
C GLY A 208 -8.84 18.79 -12.03
N PHE A 209 -9.16 18.30 -10.83
CA PHE A 209 -10.48 17.74 -10.57
C PHE A 209 -11.23 18.60 -9.57
N GLN A 210 -12.56 18.56 -9.64
CA GLN A 210 -13.40 19.31 -8.71
C GLN A 210 -13.43 18.62 -7.34
N GLN A 211 -13.19 19.41 -6.30
CA GLN A 211 -13.36 18.97 -4.92
C GLN A 211 -14.78 18.43 -4.76
N PRO A 212 -14.97 17.39 -3.92
CA PRO A 212 -14.00 16.68 -3.08
C PRO A 212 -13.27 15.53 -3.78
N MET A 213 -12.03 15.28 -3.34
CA MET A 213 -11.27 14.13 -3.83
C MET A 213 -11.94 12.84 -3.38
N ILE A 214 -12.08 11.90 -4.31
CA ILE A 214 -12.64 10.60 -3.99
C ILE A 214 -11.64 9.53 -4.41
N HIS A 215 -10.94 8.95 -3.43
CA HIS A 215 -10.02 7.87 -3.71
C HIS A 215 -10.63 6.54 -3.25
N THR A 216 -9.91 5.45 -3.50
CA THR A 216 -10.43 4.11 -3.25
C THR A 216 -10.73 3.84 -1.75
N PHE A 217 -10.18 4.67 -0.87
CA PHE A 217 -10.35 4.45 0.57
C PHE A 217 -11.18 5.51 1.30
N ASN A 218 -11.97 6.26 0.54
CA ASN A 218 -12.99 7.13 1.15
C ASN A 218 -14.31 7.08 0.37
N LYS A 219 -14.57 5.93 -0.25
CA LYS A 219 -15.84 5.66 -0.92
C LYS A 219 -16.80 5.21 0.17
N ASN A 220 -17.19 6.15 1.00
CA ASN A 220 -17.89 5.84 2.23
C ASN A 220 -18.33 7.11 2.96
N GLU A 221 -18.76 6.93 4.20
CA GLU A 221 -19.33 8.01 4.99
C GLU A 221 -18.56 9.34 4.96
N THR A 222 -17.25 9.31 4.75
CA THR A 222 -16.47 10.54 4.70
C THR A 222 -16.84 11.40 3.49
N VAL A 223 -17.39 10.76 2.46
CA VAL A 223 -17.79 11.46 1.25
C VAL A 223 -19.30 11.46 1.04
N LEU A 224 -19.93 10.31 1.22
CA LEU A 224 -21.39 10.24 1.12
C LEU A 224 -22.01 10.03 2.50
N ASN A 225 -22.72 11.05 2.98
CA ASN A 225 -23.37 11.01 4.29
C ASN A 225 -24.60 11.92 4.33
N GLU A 226 -25.15 12.15 5.53
CA GLU A 226 -26.39 12.91 5.67
C GLU A 226 -26.27 14.38 5.25
N THR A 227 -25.05 14.92 5.23
CA THR A 227 -24.85 16.31 4.84
C THR A 227 -24.72 16.46 3.33
N SER A 228 -24.42 15.36 2.65
CA SER A 228 -24.23 15.36 1.20
C SER A 228 -25.49 15.83 0.46
N GLU A 229 -25.30 16.38 -0.74
CA GLU A 229 -26.43 16.86 -1.53
C GLU A 229 -27.35 15.71 -1.94
N TYR A 230 -26.75 14.57 -2.27
CA TYR A 230 -27.49 13.42 -2.76
C TYR A 230 -28.42 12.81 -1.71
N TYR A 231 -28.10 13.02 -0.44
CA TYR A 231 -28.87 12.40 0.64
C TYR A 231 -30.35 12.75 0.59
N ASP A 232 -30.67 13.98 0.20
CA ASP A 232 -32.06 14.43 0.15
C ASP A 232 -32.87 13.63 -0.85
N LEU A 233 -32.18 13.00 -1.81
CA LEU A 233 -32.86 12.19 -2.80
C LEU A 233 -33.23 10.83 -2.22
N VAL A 234 -32.46 10.38 -1.23
CA VAL A 234 -32.59 9.01 -0.72
C VAL A 234 -32.76 8.88 0.80
N HIS A 235 -33.17 9.95 1.47
CA HIS A 235 -33.33 9.87 2.93
C HIS A 235 -34.56 9.06 3.33
N THR A 236 -35.41 8.75 2.35
CA THR A 236 -36.58 7.90 2.57
C THR A 236 -36.30 6.49 2.11
N ARG A 237 -35.06 6.23 1.70
CA ARG A 237 -34.69 4.97 1.10
C ARG A 237 -33.83 4.12 2.03
N ASP A 238 -34.48 3.34 2.90
CA ASP A 238 -33.79 2.63 3.96
C ASP A 238 -33.35 1.21 3.58
N HIS A 239 -33.78 0.74 2.42
CA HIS A 239 -33.38 -0.56 1.92
C HIS A 239 -32.36 -0.40 0.79
N ILE A 240 -31.12 -0.76 1.05
CA ILE A 240 -30.04 -0.48 0.10
C ILE A 240 -29.44 -1.73 -0.53
N ILE A 241 -29.24 -1.70 -1.84
CA ILE A 241 -28.41 -2.71 -2.50
C ILE A 241 -27.07 -2.08 -2.88
N VAL A 242 -25.98 -2.67 -2.41
CA VAL A 242 -24.64 -2.15 -2.69
C VAL A 242 -23.94 -3.13 -3.60
N MET A 243 -23.34 -2.65 -4.68
CA MET A 243 -22.70 -3.55 -5.65
C MET A 243 -21.25 -3.16 -5.92
N GLY A 244 -20.34 -4.11 -5.82
CA GLY A 244 -18.93 -3.80 -6.06
C GLY A 244 -18.06 -5.01 -6.33
N ASP A 245 -16.87 -4.79 -6.87
CA ASP A 245 -15.96 -5.90 -7.16
C ASP A 245 -14.74 -5.86 -6.25
N SER A 246 -14.69 -4.87 -5.36
CA SER A 246 -13.60 -4.73 -4.43
C SER A 246 -14.15 -4.68 -3.01
N ILE A 247 -13.30 -5.02 -2.04
CA ILE A 247 -13.70 -5.03 -0.64
C ILE A 247 -14.21 -3.67 -0.18
N GLY A 248 -13.46 -2.62 -0.53
CA GLY A 248 -13.83 -1.26 -0.17
C GLY A 248 -15.25 -0.91 -0.57
N ASP A 249 -15.64 -1.31 -1.78
CA ASP A 249 -16.98 -1.07 -2.31
C ASP A 249 -18.08 -1.46 -1.33
N ALA A 250 -17.79 -2.41 -0.45
CA ALA A 250 -18.79 -2.90 0.48
C ALA A 250 -19.25 -1.85 1.49
N ASP A 251 -18.47 -0.79 1.69
CA ASP A 251 -18.83 0.22 2.67
C ASP A 251 -19.28 1.55 2.06
N MET A 252 -19.65 1.52 0.78
CA MET A 252 -20.09 2.72 0.08
C MET A 252 -21.33 3.37 0.70
N ALA A 253 -22.18 2.55 1.31
CA ALA A 253 -23.44 3.05 1.88
C ALA A 253 -23.41 3.18 3.40
N SER A 254 -22.22 3.25 3.99
CA SER A 254 -22.10 3.34 5.44
C SER A 254 -22.61 4.67 6.00
N GLY A 255 -22.65 5.68 5.15
CA GLY A 255 -23.02 7.03 5.58
C GLY A 255 -24.50 7.34 5.55
N VAL A 256 -25.32 6.33 5.29
CA VAL A 256 -26.77 6.47 5.36
C VAL A 256 -27.25 5.92 6.70
N PRO A 257 -27.55 6.82 7.64
CA PRO A 257 -27.75 6.51 9.07
C PRO A 257 -28.96 5.63 9.36
N ALA A 258 -30.07 5.87 8.68
CA ALA A 258 -31.33 5.19 9.02
C ALA A 258 -31.63 3.97 8.18
N SER A 259 -30.63 3.47 7.45
CA SER A 259 -30.79 2.25 6.67
C SER A 259 -31.06 1.08 7.60
N SER A 260 -32.08 0.29 7.27
CA SER A 260 -32.49 -0.83 8.11
C SER A 260 -31.96 -2.15 7.59
N HIS A 261 -31.83 -2.25 6.26
CA HIS A 261 -31.35 -3.48 5.63
C HIS A 261 -30.51 -3.18 4.37
N ILE A 262 -29.35 -3.83 4.30
CA ILE A 262 -28.44 -3.65 3.17
C ILE A 262 -27.99 -5.00 2.61
N MET A 263 -28.20 -5.19 1.30
CA MET A 263 -27.72 -6.37 0.60
C MET A 263 -26.40 -6.01 -0.07
N LYS A 264 -25.31 -6.59 0.41
CA LYS A 264 -24.00 -6.31 -0.15
C LYS A 264 -23.61 -7.39 -1.16
N ILE A 265 -23.53 -6.98 -2.42
CA ILE A 265 -23.24 -7.89 -3.52
C ILE A 265 -21.84 -7.60 -4.07
N GLY A 266 -21.00 -8.62 -4.02
CA GLY A 266 -19.63 -8.51 -4.49
C GLY A 266 -19.33 -9.44 -5.64
N PHE A 267 -18.68 -8.92 -6.67
CA PHE A 267 -18.31 -9.72 -7.83
C PHE A 267 -16.85 -10.12 -7.75
N LEU A 268 -16.60 -11.41 -7.53
CA LEU A 268 -15.25 -11.92 -7.39
C LEU A 268 -14.79 -12.58 -8.69
N PHE A 269 -13.71 -12.08 -9.27
CA PHE A 269 -13.11 -12.73 -10.43
C PHE A 269 -11.62 -12.99 -10.24
N ASP A 270 -10.88 -11.95 -9.86
CA ASP A 270 -9.43 -12.08 -9.66
C ASP A 270 -9.10 -12.80 -8.36
N HIS A 271 -8.21 -13.78 -8.45
CA HIS A 271 -7.70 -14.49 -7.28
C HIS A 271 -8.84 -15.05 -6.41
N VAL A 272 -9.66 -15.90 -7.02
CA VAL A 272 -10.88 -16.41 -6.42
C VAL A 272 -10.69 -17.05 -5.04
N GLU A 273 -9.81 -18.04 -4.95
CA GLU A 273 -9.64 -18.79 -3.70
C GLU A 273 -8.94 -18.00 -2.60
N ALA A 274 -7.94 -17.22 -2.98
CA ALA A 274 -7.20 -16.40 -2.01
C ALA A 274 -8.13 -15.40 -1.33
N ASN A 275 -8.98 -14.75 -2.12
CA ASN A 275 -9.86 -13.70 -1.62
C ASN A 275 -11.24 -14.19 -1.17
N MET A 276 -11.55 -15.47 -1.44
CA MET A 276 -12.88 -16.02 -1.19
C MET A 276 -13.36 -15.82 0.24
N LYS A 277 -12.47 -16.05 1.19
CA LYS A 277 -12.80 -15.95 2.60
C LYS A 277 -13.16 -14.51 2.95
N LYS A 278 -12.27 -13.58 2.58
CA LYS A 278 -12.50 -12.16 2.78
C LYS A 278 -13.80 -11.66 2.16
N TYR A 279 -14.04 -12.05 0.92
CA TYR A 279 -15.25 -11.62 0.20
C TYR A 279 -16.51 -12.18 0.84
N MET A 280 -16.46 -13.45 1.24
CA MET A 280 -17.59 -14.08 1.91
C MET A 280 -17.87 -13.42 3.26
N ASP A 281 -16.81 -12.98 3.94
CA ASP A 281 -16.97 -12.28 5.22
C ASP A 281 -17.41 -10.84 5.04
N THR A 282 -17.19 -10.30 3.84
CA THR A 282 -17.49 -8.91 3.54
C THR A 282 -18.85 -8.71 2.89
N PHE A 283 -19.16 -9.56 1.91
CA PHE A 283 -20.41 -9.43 1.17
C PHE A 283 -21.43 -10.48 1.57
N ASP A 284 -22.71 -10.12 1.49
CA ASP A 284 -23.77 -11.06 1.78
C ASP A 284 -23.89 -12.06 0.64
N ILE A 285 -23.72 -11.56 -0.59
CA ILE A 285 -23.67 -12.41 -1.77
C ILE A 285 -22.36 -12.23 -2.52
N VAL A 286 -21.67 -13.34 -2.77
CA VAL A 286 -20.46 -13.32 -3.58
C VAL A 286 -20.72 -14.05 -4.89
N LEU A 287 -20.50 -13.34 -6.00
CA LEU A 287 -20.75 -13.88 -7.33
C LEU A 287 -19.43 -14.13 -8.05
N VAL A 288 -19.11 -15.40 -8.26
CA VAL A 288 -17.82 -15.82 -8.80
C VAL A 288 -17.86 -15.92 -10.32
N ASP A 289 -17.05 -15.09 -10.99
CA ASP A 289 -17.00 -15.06 -12.45
C ASP A 289 -18.40 -14.94 -13.05
N ASP A 290 -19.12 -13.91 -12.62
CA ASP A 290 -20.47 -13.63 -13.09
C ASP A 290 -20.46 -12.29 -13.82
N GLN A 291 -20.50 -12.33 -15.14
CA GLN A 291 -20.45 -11.10 -15.91
C GLN A 291 -21.84 -10.63 -16.32
N THR A 292 -22.81 -10.82 -15.43
CA THR A 292 -24.18 -10.39 -15.67
C THR A 292 -24.74 -9.63 -14.47
N MET A 293 -25.85 -8.95 -14.68
CA MET A 293 -26.57 -8.26 -13.61
C MET A 293 -27.80 -9.07 -13.20
N ASP A 294 -27.79 -10.36 -13.47
CA ASP A 294 -28.99 -11.20 -13.34
C ASP A 294 -29.48 -11.39 -11.89
N VAL A 295 -28.56 -11.35 -10.93
CA VAL A 295 -28.91 -11.47 -9.52
C VAL A 295 -29.62 -10.20 -8.96
N PRO A 296 -28.99 -9.01 -9.10
CA PRO A 296 -29.69 -7.80 -8.68
C PRO A 296 -31.03 -7.65 -9.40
N ARG A 297 -31.04 -7.96 -10.70
CA ARG A 297 -32.24 -7.98 -11.50
C ARG A 297 -33.29 -8.90 -10.90
N THR A 298 -32.86 -10.07 -10.44
CA THR A 298 -33.75 -11.01 -9.76
C THR A 298 -34.41 -10.37 -8.54
N LEU A 299 -33.57 -9.78 -7.68
CA LEU A 299 -34.07 -9.10 -6.49
C LEU A 299 -35.15 -8.08 -6.84
N LEU A 300 -34.79 -7.19 -7.77
CA LEU A 300 -35.71 -6.16 -8.23
C LEU A 300 -37.02 -6.73 -8.76
N SER A 301 -36.94 -7.87 -9.44
CA SER A 301 -38.12 -8.48 -10.05
C SER A 301 -39.05 -9.06 -8.99
N LEU A 302 -38.47 -9.62 -7.93
CA LEU A 302 -39.31 -10.04 -6.80
C LEU A 302 -40.01 -8.84 -6.17
N ILE A 303 -39.22 -7.81 -5.85
CA ILE A 303 -39.77 -6.59 -5.26
C ILE A 303 -40.93 -6.02 -6.10
N GLU A 304 -40.72 -6.01 -7.41
CA GLU A 304 -41.73 -5.51 -8.34
C GLU A 304 -42.95 -6.41 -8.40
N LYS A 305 -42.74 -7.71 -8.31
CA LYS A 305 -43.85 -8.66 -8.25
C LYS A 305 -44.75 -8.26 -7.09
N GLN A 306 -44.16 -8.15 -5.90
CA GLN A 306 -44.94 -7.73 -4.74
C GLN A 306 -45.60 -6.37 -4.96
N HIS A 307 -44.88 -5.47 -5.63
CA HIS A 307 -45.39 -4.13 -5.91
C HIS A 307 -46.68 -4.15 -6.73
N LYS A 308 -46.70 -4.94 -7.80
CA LYS A 308 -47.89 -5.08 -8.64
C LYS A 308 -49.05 -5.68 -7.86
N LEU A 309 -48.72 -6.62 -6.99
CA LEU A 309 -49.71 -7.33 -6.19
C LEU A 309 -50.44 -6.38 -5.26
N ASN A 310 -49.71 -5.44 -4.68
CA ASN A 310 -50.29 -4.43 -3.80
C ASN A 310 -51.11 -3.41 -4.57
N ARG B 13 43.64 17.34 -1.72
CA ARG B 13 42.42 17.22 -0.92
C ARG B 13 41.19 17.06 -1.80
N LEU B 14 40.19 16.34 -1.28
CA LEU B 14 38.96 16.07 -2.03
C LEU B 14 37.93 17.20 -1.93
N ARG B 15 37.33 17.52 -3.07
CA ARG B 15 36.27 18.52 -3.14
C ARG B 15 35.02 17.87 -3.73
N LEU B 16 33.86 18.19 -3.18
CA LEU B 16 32.59 17.57 -3.60
C LEU B 16 32.33 17.67 -5.09
N GLN B 17 32.78 18.76 -5.70
CA GLN B 17 32.57 18.99 -7.12
C GLN B 17 33.33 17.97 -7.97
N ASP B 18 34.26 17.25 -7.35
CA ASP B 18 35.03 16.23 -8.05
C ASP B 18 34.54 14.82 -7.70
N ILE B 19 33.40 14.75 -7.02
CA ILE B 19 32.80 13.48 -6.66
C ILE B 19 31.41 13.37 -7.30
N PRO B 20 31.35 12.79 -8.51
CA PRO B 20 30.17 12.76 -9.39
C PRO B 20 28.90 12.21 -8.72
N ALA B 21 29.05 11.27 -7.81
CA ALA B 21 27.90 10.65 -7.15
C ALA B 21 27.21 11.61 -6.19
N LEU B 22 27.96 12.59 -5.71
CA LEU B 22 27.44 13.52 -4.70
C LEU B 22 26.88 14.80 -5.31
N THR B 23 27.06 14.96 -6.63
CA THR B 23 26.60 16.15 -7.32
C THR B 23 25.26 15.93 -8.02
N GLN B 24 24.77 14.69 -7.99
CA GLN B 24 23.49 14.37 -8.61
C GLN B 24 22.34 15.12 -7.92
N ASP B 25 21.29 15.42 -8.67
CA ASP B 25 20.17 16.20 -8.15
C ASP B 25 19.45 15.51 -7.00
N HIS B 26 19.50 14.19 -6.95
CA HIS B 26 18.80 13.43 -5.90
C HIS B 26 19.63 13.31 -4.63
N CYS B 27 20.85 13.84 -4.67
CA CYS B 27 21.72 13.82 -3.49
C CYS B 27 21.67 15.19 -2.81
N ARG B 28 20.97 15.25 -1.68
CA ARG B 28 20.74 16.51 -0.98
C ARG B 28 21.59 16.60 0.28
N MET B 29 22.18 17.78 0.49
CA MET B 29 22.95 18.06 1.70
C MET B 29 22.65 19.50 2.14
N ARG B 30 22.37 19.69 3.42
CA ARG B 30 22.17 21.03 3.96
C ARG B 30 23.51 21.74 4.09
N ASP B 31 24.53 20.99 4.49
CA ASP B 31 25.87 21.55 4.68
C ASP B 31 26.94 20.74 3.95
N PRO B 32 27.04 20.92 2.63
CA PRO B 32 28.03 20.24 1.79
C PRO B 32 29.49 20.42 2.25
N ALA B 33 29.79 21.53 2.93
CA ALA B 33 31.14 21.78 3.42
C ALA B 33 31.50 20.77 4.52
N GLU B 34 30.56 20.55 5.43
CA GLU B 34 30.74 19.60 6.51
C GLU B 34 30.87 18.18 5.98
N VAL B 35 30.04 17.84 5.00
CA VAL B 35 30.11 16.53 4.34
C VAL B 35 31.47 16.31 3.71
N GLU B 36 31.94 17.34 2.99
CA GLU B 36 33.25 17.30 2.37
C GLU B 36 34.36 17.06 3.39
N ARG B 37 34.35 17.85 4.46
CA ARG B 37 35.36 17.72 5.51
C ARG B 37 35.35 16.32 6.14
N ILE B 38 34.16 15.84 6.48
CA ILE B 38 33.99 14.50 7.06
C ILE B 38 34.53 13.42 6.12
N ILE B 39 34.22 13.55 4.83
CA ILE B 39 34.73 12.61 3.83
C ILE B 39 36.25 12.59 3.80
N ASN B 40 36.85 13.77 3.79
CA ASN B 40 38.32 13.84 3.84
C ASN B 40 38.90 13.23 5.12
N GLU B 41 38.18 13.38 6.23
CA GLU B 41 38.61 12.77 7.49
C GLU B 41 38.60 11.25 7.37
N PHE B 42 37.51 10.72 6.79
CA PHE B 42 37.39 9.29 6.53
C PHE B 42 38.54 8.79 5.67
N VAL B 43 38.83 9.53 4.60
CA VAL B 43 39.91 9.16 3.68
C VAL B 43 41.27 9.14 4.37
N ILE B 44 41.55 10.19 5.14
CA ILE B 44 42.81 10.27 5.89
C ILE B 44 42.95 9.12 6.89
N GLY B 45 41.88 8.86 7.62
CA GLY B 45 41.89 7.84 8.66
C GLY B 45 42.25 6.45 8.16
N GLY B 46 41.71 6.09 6.99
CA GLY B 46 41.93 4.76 6.44
C GLY B 46 40.82 3.82 6.87
N PRO B 47 40.68 2.69 6.17
CA PRO B 47 39.61 1.71 6.43
C PRO B 47 39.69 1.12 7.83
N GLU B 48 40.87 1.13 8.44
CA GLU B 48 41.08 0.55 9.76
C GLU B 48 40.36 1.34 10.85
N ARG B 49 39.82 2.49 10.50
CA ARG B 49 39.14 3.36 11.45
C ARG B 49 37.63 3.33 11.24
N MET B 50 37.20 2.75 10.12
CA MET B 50 35.81 2.81 9.69
C MET B 50 34.93 1.71 10.27
N GLN B 51 33.67 2.05 10.54
CA GLN B 51 32.64 1.06 10.83
C GLN B 51 31.30 1.50 10.25
N ILE B 52 30.48 0.52 9.87
CA ILE B 52 29.17 0.80 9.30
C ILE B 52 28.08 0.39 10.28
N VAL B 53 27.08 1.25 10.45
CA VAL B 53 25.90 0.90 11.23
C VAL B 53 24.67 1.18 10.38
N SER B 54 24.05 0.11 9.89
CA SER B 54 22.96 0.25 8.93
C SER B 54 21.64 -0.33 9.43
N ASP B 55 20.55 0.31 9.02
CA ASP B 55 19.21 -0.23 9.26
C ASP B 55 19.00 -1.39 8.28
N PHE B 56 18.03 -2.25 8.54
CA PHE B 56 17.73 -3.31 7.60
C PHE B 56 16.54 -3.02 6.70
N ASP B 57 15.35 -2.98 7.30
CA ASP B 57 14.11 -2.89 6.53
C ASP B 57 13.98 -1.60 5.73
N TYR B 58 13.94 -1.78 4.41
CA TYR B 58 13.77 -0.69 3.45
C TYR B 58 14.94 0.28 3.45
N THR B 59 16.07 -0.21 3.97
CA THR B 59 17.37 0.42 3.77
C THR B 59 18.20 -0.53 2.92
N ILE B 60 18.50 -1.69 3.48
CA ILE B 60 19.20 -2.75 2.74
C ILE B 60 18.28 -3.37 1.69
N THR B 61 17.03 -3.58 2.07
CA THR B 61 16.01 -4.09 1.16
C THR B 61 15.31 -2.97 0.40
N LYS B 62 14.92 -3.26 -0.85
CA LYS B 62 13.99 -2.39 -1.55
C LYS B 62 12.62 -2.64 -0.95
N GLN B 63 11.65 -1.79 -1.27
CA GLN B 63 10.30 -2.00 -0.78
C GLN B 63 9.43 -2.63 -1.87
N ARG B 64 9.93 -2.61 -3.11
CA ARG B 64 9.20 -3.14 -4.24
C ARG B 64 10.04 -4.04 -5.14
N THR B 65 9.46 -5.15 -5.52
CA THR B 65 10.08 -6.11 -6.42
C THR B 65 9.91 -5.70 -7.86
N GLU B 66 10.57 -6.43 -8.74
CA GLU B 66 10.50 -6.18 -10.17
C GLU B 66 9.06 -6.35 -10.65
N ASP B 67 8.46 -7.47 -10.29
CA ASP B 67 7.14 -7.80 -10.82
C ASP B 67 5.99 -6.89 -10.40
N GLY B 68 5.88 -6.59 -9.12
CA GLY B 68 4.71 -5.86 -8.66
C GLY B 68 4.67 -5.02 -7.41
N GLY B 69 5.81 -4.89 -6.72
CA GLY B 69 5.88 -4.32 -5.37
C GLY B 69 5.80 -5.35 -4.24
N ALA B 70 5.47 -4.87 -3.05
CA ALA B 70 5.30 -5.71 -1.84
C ALA B 70 6.45 -6.56 -1.27
N VAL B 71 7.64 -5.98 -1.10
CA VAL B 71 8.68 -6.67 -0.34
C VAL B 71 8.31 -6.64 1.16
N PRO B 72 8.30 -7.81 1.80
CA PRO B 72 7.87 -7.93 3.20
C PRO B 72 8.97 -7.49 4.16
N SER B 73 8.59 -7.05 5.36
CA SER B 73 9.56 -6.68 6.37
C SER B 73 10.11 -7.96 7.00
N SER B 74 11.06 -7.81 7.93
CA SER B 74 11.61 -8.95 8.65
C SER B 74 10.50 -9.67 9.44
N PHE B 75 9.67 -8.88 10.12
CA PHE B 75 8.50 -9.41 10.81
C PHE B 75 7.57 -10.09 9.81
N GLY B 76 7.32 -9.43 8.69
CA GLY B 76 6.50 -10.02 7.63
C GLY B 76 7.07 -11.33 7.12
N ILE B 77 8.39 -11.43 7.08
CA ILE B 77 9.07 -12.67 6.69
C ILE B 77 8.87 -13.76 7.75
N PHE B 78 8.84 -13.36 9.02
CA PHE B 78 8.48 -14.31 10.07
C PHE B 78 7.04 -14.83 9.89
N ASN B 79 6.10 -13.89 9.81
CA ASN B 79 4.67 -14.19 9.78
C ASN B 79 4.21 -15.04 8.59
N ALA B 80 4.99 -15.02 7.51
CA ALA B 80 4.62 -15.71 6.29
C ALA B 80 4.83 -17.23 6.36
N CYS B 81 5.50 -17.68 7.42
CA CYS B 81 5.73 -19.11 7.62
C CYS B 81 4.42 -19.90 7.76
N GLN B 82 4.38 -21.08 7.16
CA GLN B 82 3.17 -21.89 7.09
C GLN B 82 2.97 -22.84 8.28
N SER B 83 4.05 -23.10 9.03
CA SER B 83 3.94 -23.98 10.20
C SER B 83 3.48 -23.24 11.45
N LEU B 84 3.44 -21.91 11.37
CA LEU B 84 2.94 -21.09 12.47
C LEU B 84 1.47 -21.42 12.75
N PRO B 85 1.03 -21.20 14.01
CA PRO B 85 -0.39 -21.33 14.30
C PRO B 85 -1.19 -20.31 13.50
N GLU B 86 -2.44 -20.66 13.18
CA GLU B 86 -3.30 -19.82 12.34
C GLU B 86 -4.13 -18.87 13.20
N ASN B 87 -3.98 -18.98 14.52
CA ASN B 87 -4.61 -18.06 15.46
C ASN B 87 -3.69 -16.87 15.72
N PHE B 88 -2.41 -17.17 15.88
CA PHE B 88 -1.37 -16.16 16.09
C PHE B 88 -1.22 -15.26 14.86
N LYS B 89 -1.31 -15.86 13.68
CA LYS B 89 -1.22 -15.12 12.41
C LYS B 89 -2.30 -14.03 12.33
N ALA B 90 -3.50 -14.37 12.78
CA ALA B 90 -4.59 -13.40 12.82
C ALA B 90 -4.26 -12.29 13.81
N GLU B 91 -3.94 -12.69 15.03
CA GLU B 91 -3.68 -11.76 16.12
C GLU B 91 -2.51 -10.80 15.83
N THR B 92 -1.47 -11.28 15.16
CA THR B 92 -0.34 -10.44 14.79
C THR B 92 -0.72 -9.41 13.71
N ASP B 93 -1.69 -9.77 12.85
CA ASP B 93 -2.17 -8.85 11.83
C ASP B 93 -3.09 -7.81 12.45
N LYS B 94 -3.85 -8.22 13.46
CA LYS B 94 -4.66 -7.28 14.23
C LYS B 94 -3.75 -6.29 14.95
N LEU B 95 -2.66 -6.82 15.51
CA LEU B 95 -1.62 -6.01 16.15
C LEU B 95 -1.04 -4.98 15.19
N TYR B 96 -0.64 -5.44 14.01
CA TYR B 96 -0.09 -4.55 13.00
C TYR B 96 -1.10 -3.47 12.60
N HIS B 97 -2.30 -3.88 12.22
CA HIS B 97 -3.31 -2.91 11.79
C HIS B 97 -3.76 -1.97 12.91
N LYS B 98 -3.48 -2.32 14.16
CA LYS B 98 -3.70 -1.37 15.25
C LYS B 98 -2.54 -0.40 15.43
N TYR B 99 -1.33 -0.92 15.60
CA TYR B 99 -0.18 -0.11 16.03
C TYR B 99 0.60 0.58 14.92
N ARG B 100 0.69 -0.06 13.75
CA ARG B 100 1.34 0.55 12.60
C ARG B 100 0.89 2.00 12.35
N PRO B 101 -0.43 2.29 12.49
CA PRO B 101 -0.84 3.71 12.45
C PRO B 101 -0.30 4.58 13.58
N ILE B 102 -0.16 4.05 14.79
CA ILE B 102 0.33 4.85 15.93
C ILE B 102 1.83 5.10 15.80
N GLU B 103 2.49 4.23 15.05
CA GLU B 103 3.91 4.33 14.78
C GLU B 103 4.25 5.45 13.82
N ILE B 104 3.29 5.82 12.97
CA ILE B 104 3.57 6.69 11.82
C ILE B 104 3.06 8.13 11.86
N ASP B 105 2.57 8.59 13.00
CA ASP B 105 2.11 9.98 13.11
C ASP B 105 2.09 10.50 14.55
N PRO B 106 2.46 11.78 14.75
CA PRO B 106 2.53 12.34 16.09
C PRO B 106 1.21 13.00 16.53
N ALA B 111 7.25 10.80 23.51
CA ALA B 111 6.91 9.81 24.53
C ALA B 111 5.56 9.15 24.27
N GLU B 112 4.70 9.84 23.54
CA GLU B 112 3.39 9.33 23.14
C GLU B 112 3.49 8.00 22.39
N LYS B 113 4.37 7.97 21.40
CA LYS B 113 4.69 6.77 20.64
C LYS B 113 5.40 5.65 21.40
N VAL B 114 6.34 6.01 22.28
CA VAL B 114 7.29 5.06 22.87
C VAL B 114 6.66 3.94 23.70
N GLN B 115 5.70 4.28 24.55
CA GLN B 115 5.00 3.28 25.35
C GLN B 115 4.06 2.43 24.49
N TYR B 116 3.56 3.02 23.40
CA TYR B 116 2.73 2.29 22.45
C TYR B 116 3.55 1.23 21.72
N MET B 117 4.79 1.59 21.37
CA MET B 117 5.70 0.67 20.70
C MET B 117 6.15 -0.44 21.63
N ILE B 118 6.51 -0.07 22.85
CA ILE B 118 6.86 -1.05 23.88
C ILE B 118 5.71 -2.02 24.06
N GLU B 119 4.51 -1.47 24.14
CA GLU B 119 3.27 -2.25 24.23
C GLU B 119 3.19 -3.25 23.08
N TRP B 120 3.39 -2.75 21.86
CA TRP B 120 3.32 -3.57 20.65
C TRP B 120 4.33 -4.71 20.66
N TRP B 121 5.58 -4.41 20.96
CA TRP B 121 6.64 -5.43 20.95
C TRP B 121 6.45 -6.45 22.07
N THR B 122 5.99 -5.97 23.23
CA THR B 122 5.69 -6.83 24.37
C THR B 122 4.62 -7.84 24.00
N LYS B 123 3.52 -7.31 23.46
CA LYS B 123 2.40 -8.12 23.01
C LYS B 123 2.82 -9.12 21.95
N SER B 124 3.59 -8.65 20.97
CA SER B 124 4.09 -9.50 19.89
C SER B 124 4.96 -10.63 20.44
N GLY B 125 5.71 -10.34 21.50
CA GLY B 125 6.53 -11.34 22.15
C GLY B 125 5.71 -12.38 22.89
N GLU B 126 4.77 -11.93 23.71
CA GLU B 126 3.89 -12.84 24.44
C GLU B 126 3.09 -13.72 23.48
N LEU B 127 2.69 -13.15 22.35
CA LEU B 127 1.99 -13.92 21.33
C LEU B 127 2.94 -14.82 20.54
N THR B 128 4.23 -14.49 20.56
CA THR B 128 5.25 -15.33 19.92
C THR B 128 5.89 -16.26 20.96
N SER B 129 5.09 -17.14 21.54
CA SER B 129 5.54 -18.07 22.57
C SER B 129 4.51 -19.17 22.79
N GLY B 130 4.97 -20.30 23.31
CA GLY B 130 4.08 -21.41 23.61
C GLY B 130 4.11 -22.52 22.58
N PHE B 131 4.63 -22.23 21.39
CA PHE B 131 4.67 -23.22 20.31
C PHE B 131 6.09 -23.35 19.74
N PRO B 132 6.41 -24.55 19.21
CA PRO B 132 7.73 -24.73 18.62
C PRO B 132 7.77 -24.13 17.22
N PHE B 133 8.97 -23.97 16.67
CA PHE B 133 9.14 -23.33 15.38
C PHE B 133 10.49 -23.73 14.79
N ASP B 134 10.47 -24.13 13.51
CA ASP B 134 11.69 -24.49 12.81
C ASP B 134 12.12 -23.35 11.90
N GLN B 135 13.14 -22.61 12.32
CA GLN B 135 13.59 -21.45 11.54
C GLN B 135 14.42 -21.83 10.30
N SER B 136 13.91 -22.79 9.54
CA SER B 136 14.41 -23.08 8.20
C SER B 136 13.29 -22.68 7.25
N GLU B 137 12.09 -22.58 7.83
CA GLU B 137 10.91 -22.07 7.15
C GLU B 137 11.15 -20.60 6.82
N ILE B 138 11.71 -19.89 7.80
CA ILE B 138 12.18 -18.52 7.62
C ILE B 138 13.08 -18.45 6.40
N ASP B 139 14.03 -19.38 6.33
CA ASP B 139 14.95 -19.46 5.21
C ASP B 139 14.21 -19.65 3.89
N GLN B 140 13.23 -20.53 3.91
CA GLN B 140 12.41 -20.82 2.72
C GLN B 140 11.68 -19.57 2.22
N ILE B 141 11.09 -18.81 3.13
CA ILE B 141 10.35 -17.60 2.75
C ILE B 141 11.28 -16.45 2.33
N ALA B 142 12.37 -16.26 3.06
CA ALA B 142 13.30 -15.16 2.81
C ALA B 142 14.20 -15.42 1.61
N SER B 143 14.25 -16.67 1.17
CA SER B 143 15.00 -17.04 -0.03
C SER B 143 14.39 -16.39 -1.26
N LYS B 144 13.16 -15.91 -1.13
CA LYS B 144 12.39 -15.39 -2.26
C LYS B 144 12.53 -13.88 -2.44
N TYR B 145 13.39 -13.28 -1.63
CA TYR B 145 13.58 -11.83 -1.65
C TYR B 145 15.07 -11.51 -1.61
N THR B 146 15.87 -12.46 -2.07
CA THR B 146 17.32 -12.31 -2.11
C THR B 146 17.73 -11.43 -3.29
N HIS B 147 16.73 -11.02 -4.07
CA HIS B 147 16.96 -10.20 -5.25
C HIS B 147 16.31 -8.84 -5.06
N ALA B 148 15.77 -8.61 -3.86
CA ALA B 148 15.01 -7.40 -3.56
C ALA B 148 15.82 -6.40 -2.73
N LEU B 149 17.14 -6.54 -2.78
CA LEU B 149 18.01 -5.60 -2.09
C LEU B 149 18.35 -4.45 -3.02
N ARG B 150 18.75 -3.31 -2.45
CA ARG B 150 19.17 -2.16 -3.23
C ARG B 150 20.29 -2.57 -4.19
N ASP B 151 20.31 -1.94 -5.36
CA ASP B 151 21.33 -2.24 -6.35
C ASP B 151 22.73 -1.99 -5.79
N ARG B 152 23.66 -2.88 -6.15
CA ARG B 152 25.06 -2.83 -5.69
C ARG B 152 25.27 -3.14 -4.21
N THR B 153 24.26 -3.68 -3.54
CA THR B 153 24.38 -4.07 -2.13
C THR B 153 25.45 -5.16 -1.94
N HIS B 154 25.45 -6.13 -2.85
CA HIS B 154 26.40 -7.23 -2.79
C HIS B 154 27.83 -6.71 -2.93
N GLU B 155 28.04 -5.80 -3.88
CA GLU B 155 29.34 -5.18 -4.07
C GLU B 155 29.70 -4.27 -2.90
N PHE B 156 28.69 -3.73 -2.26
CA PHE B 156 28.87 -2.90 -1.06
C PHE B 156 29.47 -3.74 0.07
N PHE B 157 28.80 -4.84 0.39
CA PHE B 157 29.26 -5.75 1.45
C PHE B 157 30.58 -6.41 1.08
N ALA B 158 30.80 -6.64 -0.21
CA ALA B 158 32.08 -7.16 -0.68
C ALA B 158 33.19 -6.12 -0.44
N ASP B 159 32.87 -4.85 -0.65
CA ASP B 159 33.81 -3.77 -0.35
C ASP B 159 34.16 -3.78 1.12
N LEU B 160 33.12 -3.81 1.96
CA LEU B 160 33.30 -3.83 3.40
C LEU B 160 34.13 -5.01 3.89
N GLN B 161 33.93 -6.17 3.27
CA GLN B 161 34.66 -7.37 3.65
C GLN B 161 36.12 -7.24 3.23
N ARG B 162 36.34 -6.82 1.98
CA ARG B 162 37.69 -6.64 1.45
C ARG B 162 38.50 -5.60 2.23
N LEU B 163 37.84 -4.57 2.73
CA LEU B 163 38.53 -3.50 3.44
C LEU B 163 38.67 -3.81 4.93
N GLY B 164 38.01 -4.88 5.37
CA GLY B 164 38.09 -5.29 6.77
C GLY B 164 37.28 -4.39 7.68
N ILE B 165 36.20 -3.84 7.15
CA ILE B 165 35.36 -2.93 7.91
C ILE B 165 34.19 -3.68 8.56
N PRO B 166 34.15 -3.65 9.90
CA PRO B 166 33.02 -4.23 10.64
C PRO B 166 31.71 -3.54 10.29
N THR B 167 30.66 -4.35 10.10
CA THR B 167 29.36 -3.85 9.71
C THR B 167 28.28 -4.36 10.65
N LEU B 168 27.55 -3.42 11.25
CA LEU B 168 26.45 -3.78 12.12
C LEU B 168 25.12 -3.47 11.45
N VAL B 169 24.28 -4.48 11.29
CA VAL B 169 22.90 -4.27 10.87
C VAL B 169 22.03 -4.19 12.11
N PHE B 170 21.49 -3.00 12.34
CA PHE B 170 20.77 -2.66 13.56
C PHE B 170 19.29 -2.59 13.21
N SER B 171 18.53 -3.60 13.63
CA SER B 171 17.11 -3.66 13.27
C SER B 171 16.20 -3.76 14.50
N ALA B 172 15.03 -3.11 14.40
CA ALA B 172 14.03 -3.18 15.47
C ALA B 172 13.03 -4.28 15.14
N GLY B 173 13.33 -5.04 14.08
CA GLY B 173 12.44 -6.10 13.64
C GLY B 173 12.81 -7.47 14.19
N LEU B 174 12.58 -8.51 13.39
CA LEU B 174 12.90 -9.87 13.79
C LEU B 174 14.26 -10.29 13.25
N GLY B 175 15.23 -10.48 14.14
CA GLY B 175 16.60 -10.74 13.75
C GLY B 175 16.82 -11.99 12.91
N ASN B 176 16.06 -13.04 13.19
CA ASN B 176 16.18 -14.30 12.45
C ASN B 176 15.96 -14.11 10.95
N SER B 177 14.95 -13.32 10.60
CA SER B 177 14.66 -13.03 9.20
C SER B 177 15.80 -12.25 8.55
N VAL B 178 16.20 -11.14 9.18
CA VAL B 178 17.33 -10.32 8.74
C VAL B 178 18.55 -11.19 8.42
N VAL B 179 18.95 -11.98 9.42
CA VAL B 179 20.08 -12.91 9.27
C VAL B 179 19.84 -13.86 8.10
N SER B 180 18.63 -14.39 7.96
CA SER B 180 18.37 -15.31 6.86
C SER B 180 18.48 -14.68 5.46
N VAL B 181 17.90 -13.50 5.28
CA VAL B 181 18.00 -12.81 3.99
C VAL B 181 19.44 -12.39 3.67
N LEU B 182 20.13 -11.91 4.69
CA LEU B 182 21.55 -11.51 4.57
C LEU B 182 22.42 -12.70 4.17
N ARG B 183 22.19 -13.83 4.83
CA ARG B 183 22.96 -15.04 4.55
C ARG B 183 22.69 -15.60 3.16
N GLN B 184 21.41 -15.76 2.83
CA GLN B 184 21.03 -16.31 1.53
C GLN B 184 21.44 -15.41 0.35
N ALA B 185 21.57 -14.12 0.62
CA ALA B 185 22.05 -13.19 -0.40
C ALA B 185 23.57 -13.22 -0.50
N ASN B 186 24.18 -14.03 0.36
CA ASN B 186 25.63 -14.19 0.41
C ASN B 186 26.38 -12.90 0.77
N VAL B 187 25.77 -12.10 1.63
CA VAL B 187 26.40 -10.88 2.12
C VAL B 187 26.60 -10.90 3.64
N LEU B 188 26.17 -11.98 4.28
CA LEU B 188 26.39 -12.11 5.72
C LEU B 188 27.80 -12.60 5.99
N HIS B 189 28.76 -11.73 5.67
CA HIS B 189 30.18 -11.99 5.84
C HIS B 189 30.56 -12.03 7.32
N PRO B 190 31.74 -12.58 7.65
CA PRO B 190 32.15 -12.67 9.05
C PRO B 190 32.27 -11.31 9.74
N ASN B 191 32.49 -10.26 8.96
CA ASN B 191 32.60 -8.91 9.51
C ASN B 191 31.23 -8.30 9.76
N VAL B 192 30.20 -9.01 9.33
CA VAL B 192 28.82 -8.53 9.46
C VAL B 192 28.13 -9.17 10.65
N LYS B 193 27.62 -8.34 11.55
CA LYS B 193 26.84 -8.81 12.69
C LYS B 193 25.47 -8.14 12.69
N VAL B 194 24.49 -8.81 13.29
CA VAL B 194 23.13 -8.27 13.35
C VAL B 194 22.68 -8.12 14.80
N VAL B 195 22.25 -6.91 15.16
CA VAL B 195 21.68 -6.66 16.48
C VAL B 195 20.20 -6.32 16.31
N SER B 196 19.34 -7.15 16.91
CA SER B 196 17.90 -7.04 16.69
C SER B 196 17.15 -7.81 17.76
N ASN B 197 15.85 -8.03 17.54
CA ASN B 197 15.06 -8.86 18.42
C ASN B 197 15.08 -10.30 17.93
N PHE B 198 15.85 -11.15 18.61
CA PHE B 198 15.97 -12.55 18.20
C PHE B 198 15.03 -13.46 18.98
N LEU B 199 14.48 -14.46 18.28
CA LEU B 199 13.57 -15.41 18.89
C LEU B 199 14.20 -16.13 20.08
N GLN B 200 13.47 -16.15 21.19
CA GLN B 200 13.92 -16.85 22.38
C GLN B 200 13.23 -18.22 22.46
N PHE B 201 14.03 -19.26 22.62
CA PHE B 201 13.50 -20.62 22.75
C PHE B 201 13.78 -21.13 24.15
N ARG B 202 12.85 -21.90 24.71
CA ARG B 202 13.12 -22.63 25.94
C ARG B 202 12.34 -23.93 26.00
N ASP B 203 13.07 -25.03 26.25
CA ASP B 203 12.52 -26.38 26.21
C ASP B 203 11.76 -26.67 24.90
N GLY B 204 12.34 -26.25 23.78
CA GLY B 204 11.77 -26.52 22.48
C GLY B 204 10.62 -25.60 22.09
N LEU B 205 10.21 -24.73 23.01
CA LEU B 205 9.10 -23.81 22.77
C LEU B 205 9.59 -22.37 22.65
N LEU B 206 8.92 -21.60 21.77
CA LEU B 206 9.15 -20.17 21.70
C LEU B 206 8.80 -19.52 23.05
N ASP B 207 9.60 -18.54 23.45
CA ASP B 207 9.37 -17.80 24.68
C ASP B 207 9.64 -16.31 24.43
N GLY B 208 8.98 -15.78 23.41
CA GLY B 208 9.12 -14.38 23.05
C GLY B 208 10.43 -14.05 22.37
N PHE B 209 10.95 -12.87 22.67
CA PHE B 209 12.21 -12.40 22.10
C PHE B 209 13.28 -12.35 23.18
N GLN B 210 14.54 -12.41 22.77
CA GLN B 210 15.65 -12.26 23.71
C GLN B 210 15.87 -10.78 24.00
N GLN B 211 15.91 -10.42 25.29
CA GLN B 211 16.12 -9.04 25.70
C GLN B 211 17.54 -8.63 25.35
N PRO B 212 17.80 -7.33 25.17
CA PRO B 212 16.87 -6.22 25.37
C PRO B 212 15.89 -6.06 24.22
N MET B 213 14.74 -5.45 24.50
CA MET B 213 13.77 -5.13 23.47
C MET B 213 14.27 -3.96 22.64
N ILE B 214 14.24 -4.13 21.32
CA ILE B 214 14.62 -3.06 20.41
C ILE B 214 13.43 -2.62 19.60
N HIS B 215 12.95 -1.40 19.87
CA HIS B 215 11.87 -0.85 19.08
C HIS B 215 12.33 0.33 18.21
N THR B 216 11.42 0.83 17.39
CA THR B 216 11.76 1.82 16.37
C THR B 216 12.29 3.14 16.93
N PHE B 217 12.01 3.41 18.19
CA PHE B 217 12.40 4.69 18.77
C PHE B 217 13.38 4.54 19.93
N ASN B 218 14.16 3.46 19.92
CA ASN B 218 15.26 3.32 20.87
C ASN B 218 16.48 2.62 20.24
N LYS B 219 16.59 2.69 18.92
CA LYS B 219 17.79 2.23 18.24
C LYS B 219 18.93 3.23 18.49
N ASN B 220 19.43 3.25 19.72
CA ASN B 220 20.42 4.24 20.11
C ASN B 220 21.17 3.83 21.39
N GLU B 221 21.95 4.76 21.95
CA GLU B 221 22.77 4.52 23.11
C GLU B 221 22.16 3.69 24.25
N THR B 222 20.85 3.80 24.43
CA THR B 222 20.17 3.05 25.48
C THR B 222 19.92 1.60 25.06
N VAL B 223 20.46 1.22 23.91
CA VAL B 223 20.37 -0.15 23.41
C VAL B 223 21.73 -0.67 22.92
N LEU B 224 22.43 0.15 22.13
CA LEU B 224 23.78 -0.20 21.69
C LEU B 224 24.81 0.77 22.24
N ASN B 225 25.69 0.27 23.10
CA ASN B 225 26.74 1.09 23.70
C ASN B 225 27.94 0.27 24.16
N GLU B 226 28.79 0.89 24.98
CA GLU B 226 30.05 0.28 25.41
C GLU B 226 29.97 -0.99 26.25
N THR B 227 28.78 -1.28 26.78
CA THR B 227 28.57 -2.50 27.55
C THR B 227 27.96 -3.61 26.69
N SER B 228 27.68 -3.27 25.43
CA SER B 228 27.10 -4.25 24.49
C SER B 228 28.12 -5.30 24.08
N GLU B 229 27.61 -6.49 23.76
CA GLU B 229 28.46 -7.60 23.32
C GLU B 229 29.19 -7.21 22.04
N TYR B 230 28.52 -6.43 21.20
CA TYR B 230 29.06 -6.05 19.91
C TYR B 230 30.22 -5.07 20.01
N TYR B 231 30.21 -4.25 21.05
CA TYR B 231 31.16 -3.14 21.18
C TYR B 231 32.62 -3.54 21.00
N ASP B 232 33.00 -4.70 21.52
CA ASP B 232 34.38 -5.16 21.48
C ASP B 232 34.91 -5.29 20.05
N LEU B 233 33.99 -5.52 19.11
CA LEU B 233 34.37 -5.69 17.71
C LEU B 233 34.61 -4.35 17.01
N VAL B 234 34.12 -3.27 17.60
CA VAL B 234 34.19 -1.96 16.96
C VAL B 234 34.70 -0.84 17.86
N HIS B 235 35.39 -1.18 18.95
CA HIS B 235 35.83 -0.14 19.89
C HIS B 235 36.99 0.70 19.35
N THR B 236 37.67 0.20 18.33
CA THR B 236 38.77 0.94 17.70
C THR B 236 38.32 1.72 16.47
N ARG B 237 37.04 1.63 16.15
CA ARG B 237 36.51 2.24 14.93
C ARG B 237 35.75 3.54 15.23
N ASP B 238 36.43 4.68 15.10
CA ASP B 238 35.87 5.97 15.51
C ASP B 238 35.20 6.75 14.37
N HIS B 239 35.42 6.31 13.14
CA HIS B 239 34.77 6.92 11.99
C HIS B 239 33.61 6.02 11.56
N ILE B 240 32.41 6.57 11.57
CA ILE B 240 31.21 5.75 11.39
C ILE B 240 30.31 6.24 10.25
N ILE B 241 29.92 5.32 9.38
CA ILE B 241 28.87 5.62 8.42
C ILE B 241 27.56 4.99 8.89
N VAL B 242 26.56 5.83 9.11
CA VAL B 242 25.25 5.38 9.56
C VAL B 242 24.30 5.39 8.36
N MET B 243 23.48 4.36 8.21
CA MET B 243 22.55 4.31 7.08
C MET B 243 21.15 3.96 7.52
N GLY B 244 20.17 4.72 7.06
CA GLY B 244 18.78 4.42 7.41
C GLY B 244 17.80 5.04 6.44
N ASP B 245 16.52 4.66 6.55
CA ASP B 245 15.49 5.26 5.73
C ASP B 245 14.47 5.99 6.61
N SER B 246 14.68 5.90 7.92
CA SER B 246 13.79 6.52 8.89
C SER B 246 14.55 7.51 9.77
N ILE B 247 13.82 8.43 10.39
CA ILE B 247 14.41 9.44 11.27
C ILE B 247 15.03 8.78 12.51
N GLY B 248 14.43 7.68 12.96
CA GLY B 248 14.91 6.99 14.13
C GLY B 248 16.14 6.14 13.90
N ASP B 249 16.67 6.19 12.68
CA ASP B 249 17.88 5.45 12.33
C ASP B 249 19.12 6.32 12.48
N ALA B 250 18.90 7.63 12.53
CA ALA B 250 19.99 8.60 12.57
C ALA B 250 20.89 8.47 13.81
N ASP B 251 20.31 8.05 14.93
CA ASP B 251 21.04 8.03 16.19
C ASP B 251 21.58 6.66 16.57
N MET B 252 21.67 5.75 15.60
CA MET B 252 22.08 4.38 15.87
C MET B 252 23.50 4.26 16.44
N ALA B 253 24.37 5.21 16.11
CA ALA B 253 25.77 5.13 16.53
C ALA B 253 26.11 6.04 17.72
N SER B 254 25.09 6.60 18.36
CA SER B 254 25.31 7.56 19.44
C SER B 254 25.79 6.92 20.74
N GLY B 255 25.81 5.58 20.76
CA GLY B 255 26.23 4.85 21.95
C GLY B 255 27.70 4.49 21.93
N VAL B 256 28.36 4.78 20.81
CA VAL B 256 29.80 4.60 20.68
C VAL B 256 30.48 5.85 21.20
N PRO B 257 31.06 5.77 22.42
CA PRO B 257 31.53 6.96 23.15
C PRO B 257 32.70 7.69 22.51
N ALA B 258 33.64 6.98 21.90
CA ALA B 258 34.85 7.62 21.37
C ALA B 258 34.85 7.82 19.85
N SER B 259 33.67 7.89 19.26
CA SER B 259 33.56 8.20 17.83
C SER B 259 34.06 9.61 17.60
N SER B 260 34.73 9.85 16.47
N SER B 260 34.76 9.82 16.48
CA SER B 260 35.23 11.18 16.17
CA SER B 260 35.29 11.14 16.12
C SER B 260 34.45 11.84 15.03
C SER B 260 34.45 11.81 15.05
N HIS B 261 34.08 11.04 14.03
CA HIS B 261 33.32 11.56 12.89
C HIS B 261 32.22 10.59 12.46
N ILE B 262 31.01 11.12 12.31
CA ILE B 262 29.88 10.31 11.88
C ILE B 262 29.22 10.91 10.64
N MET B 263 29.06 10.10 9.59
CA MET B 263 28.33 10.50 8.40
C MET B 263 26.98 9.79 8.40
N LYS B 264 25.90 10.55 8.59
CA LYS B 264 24.56 9.97 8.59
C LYS B 264 23.92 10.07 7.22
N ILE B 265 23.62 8.93 6.62
CA ILE B 265 23.02 8.85 5.30
C ILE B 265 21.58 8.33 5.37
N GLY B 266 20.66 9.14 4.87
CA GLY B 266 19.25 8.81 4.89
C GLY B 266 18.64 8.64 3.51
N PHE B 267 17.92 7.54 3.33
CA PHE B 267 17.21 7.26 2.10
C PHE B 267 15.78 7.75 2.21
N LEU B 268 15.45 8.78 1.44
CA LEU B 268 14.12 9.37 1.45
C LEU B 268 13.32 8.95 0.22
N PHE B 269 12.31 8.12 0.42
CA PHE B 269 11.48 7.65 -0.70
C PHE B 269 9.97 7.63 -0.38
N ASP B 270 9.64 7.65 0.91
CA ASP B 270 8.25 7.74 1.34
C ASP B 270 7.95 9.16 1.76
N HIS B 271 6.91 9.75 1.15
CA HIS B 271 6.52 11.13 1.45
C HIS B 271 7.70 12.09 1.33
N VAL B 272 8.32 12.13 0.16
CA VAL B 272 9.50 12.95 -0.10
C VAL B 272 9.28 14.44 0.19
N GLU B 273 8.28 15.01 -0.49
CA GLU B 273 7.96 16.44 -0.39
C GLU B 273 7.70 16.93 1.04
N ALA B 274 7.03 16.11 1.84
CA ALA B 274 6.62 16.51 3.18
C ALA B 274 7.71 16.28 4.23
N ASN B 275 8.56 15.28 4.01
CA ASN B 275 9.58 14.91 4.99
C ASN B 275 10.98 15.38 4.62
N MET B 276 11.10 16.07 3.49
CA MET B 276 12.39 16.58 3.03
C MET B 276 13.13 17.44 4.05
N LYS B 277 12.41 18.36 4.68
CA LYS B 277 13.04 19.28 5.63
C LYS B 277 13.51 18.58 6.91
N LYS B 278 12.68 17.67 7.43
CA LYS B 278 13.07 16.91 8.62
C LYS B 278 14.26 16.02 8.32
N TYR B 279 14.23 15.36 7.16
CA TYR B 279 15.35 14.51 6.73
C TYR B 279 16.66 15.28 6.54
N MET B 280 16.60 16.45 5.90
CA MET B 280 17.80 17.24 5.67
C MET B 280 18.29 17.92 6.95
N ASP B 281 17.38 18.18 7.87
CA ASP B 281 17.75 18.68 9.19
C ASP B 281 18.36 17.55 10.02
N THR B 282 18.04 16.31 9.66
CA THR B 282 18.46 15.15 10.44
C THR B 282 19.71 14.46 9.88
N PHE B 283 19.74 14.22 8.58
CA PHE B 283 20.86 13.52 7.97
C PHE B 283 21.88 14.48 7.35
N ASP B 284 23.11 14.01 7.17
CA ASP B 284 24.15 14.79 6.53
C ASP B 284 23.99 14.71 5.02
N ILE B 285 23.60 13.54 4.56
CA ILE B 285 23.27 13.32 3.16
C ILE B 285 21.89 12.67 3.03
N VAL B 286 21.04 13.28 2.20
CA VAL B 286 19.73 12.71 1.90
C VAL B 286 19.67 12.27 0.44
N LEU B 287 19.34 11.00 0.23
CA LEU B 287 19.24 10.42 -1.10
C LEU B 287 17.77 10.24 -1.48
N VAL B 288 17.34 10.95 -2.52
CA VAL B 288 15.93 10.94 -2.90
C VAL B 288 15.63 9.92 -3.99
N ASP B 289 14.66 9.04 -3.72
CA ASP B 289 14.31 7.95 -4.64
C ASP B 289 15.53 7.18 -5.11
N ASP B 290 16.41 6.85 -4.16
CA ASP B 290 17.65 6.16 -4.47
C ASP B 290 17.55 4.69 -4.06
N GLN B 291 17.51 3.81 -5.05
CA GLN B 291 17.43 2.37 -4.80
C GLN B 291 18.78 1.69 -4.91
N THR B 292 19.85 2.44 -4.69
CA THR B 292 21.20 1.91 -4.82
C THR B 292 22.06 2.17 -3.58
N MET B 293 23.20 1.49 -3.54
CA MET B 293 24.20 1.72 -2.50
C MET B 293 25.38 2.47 -3.10
N ASP B 294 25.15 3.19 -4.20
CA ASP B 294 26.24 3.85 -4.94
C ASP B 294 26.98 4.93 -4.15
N VAL B 295 26.29 5.61 -3.25
CA VAL B 295 26.88 6.68 -2.45
C VAL B 295 27.85 6.15 -1.34
N PRO B 296 27.35 5.24 -0.47
CA PRO B 296 28.28 4.68 0.52
C PRO B 296 29.44 3.95 -0.16
N ARG B 297 29.16 3.29 -1.27
CA ARG B 297 30.19 2.63 -2.05
C ARG B 297 31.19 3.64 -2.60
N THR B 298 30.70 4.83 -2.93
CA THR B 298 31.58 5.93 -3.37
C THR B 298 32.54 6.30 -2.25
N LEU B 299 32.00 6.56 -1.06
CA LEU B 299 32.85 6.88 0.10
C LEU B 299 33.92 5.80 0.32
N LEU B 300 33.45 4.55 0.38
CA LEU B 300 34.31 3.38 0.50
C LEU B 300 35.43 3.38 -0.53
N SER B 301 35.09 3.69 -1.77
CA SER B 301 36.05 3.64 -2.88
C SER B 301 37.10 4.75 -2.79
N LEU B 302 36.71 5.92 -2.30
CA LEU B 302 37.72 6.96 -2.06
C LEU B 302 38.69 6.52 -0.95
N ILE B 303 38.11 6.08 0.16
CA ILE B 303 38.91 5.57 1.29
C ILE B 303 39.91 4.50 0.81
N GLU B 304 39.42 3.59 -0.03
CA GLU B 304 40.20 2.48 -0.54
C GLU B 304 41.30 2.94 -1.48
N LYS B 305 40.96 3.88 -2.36
CA LYS B 305 41.94 4.47 -3.26
C LYS B 305 43.13 4.97 -2.45
N GLN B 306 42.82 5.83 -1.48
CA GLN B 306 43.91 6.35 -0.64
C GLN B 306 44.68 5.24 0.10
N HIS B 307 43.94 4.25 0.61
CA HIS B 307 44.55 3.13 1.32
C HIS B 307 45.60 2.39 0.48
N LYS B 308 45.18 1.96 -0.70
CA LYS B 308 46.06 1.27 -1.64
C LYS B 308 47.22 2.15 -2.05
N LEU B 309 46.97 3.46 -2.12
CA LEU B 309 48.08 4.37 -2.38
C LEU B 309 49.11 4.34 -1.24
N ASN B 310 48.65 4.30 0.00
CA ASN B 310 49.55 4.24 1.15
C ASN B 310 50.15 2.84 1.38
N LEU B 311 49.63 1.84 0.68
CA LEU B 311 50.21 0.49 0.71
C LEU B 311 51.45 0.38 -0.18
N GLU B 312 51.30 0.78 -1.45
CA GLU B 312 52.39 0.73 -2.41
C GLU B 312 53.48 1.75 -2.07
MG MG C . -14.51 -1.59 -9.13
O5' CTN D . -11.12 3.93 -11.22
C5' CTN D . -10.40 4.27 -10.03
C4' CTN D . -9.03 3.64 -10.13
O4' CTN D . -8.24 4.29 -11.11
C1' CTN D . -6.86 4.27 -10.75
N1 CTN D . -6.33 5.63 -10.85
C6 CTN D . -6.48 6.50 -9.84
C5 CTN D . -5.99 7.79 -9.94
C4 CTN D . -5.34 8.17 -11.10
N3 CTN D . -5.21 7.30 -12.13
C2 CTN D . -5.69 6.05 -12.02
O2 CTN D . -5.55 5.25 -12.97
N4 CTN D . -4.87 9.43 -11.20
C2' CTN D . -6.80 3.71 -9.33
O2' CTN D . -6.24 2.39 -9.39
C3' CTN D . -8.23 3.70 -8.85
O3' CTN D . -8.52 2.57 -8.03
CL CL E . -13.80 3.10 -7.74
MG MG F . 14.01 0.97 7.64
O5' CTN G . 11.35 -3.69 11.51
C5' CTN G . 10.68 -3.00 12.56
C4' CTN G . 9.25 -2.69 12.12
O4' CTN G . 8.44 -3.85 12.26
C1' CTN G . 7.10 -3.47 12.59
N1 CTN G . 6.56 -4.46 13.50
C6 CTN G . 6.74 -4.35 14.81
C5 CTN G . 6.22 -5.33 15.65
C4 CTN G . 5.52 -6.41 15.10
N3 CTN G . 5.34 -6.50 13.78
C2 CTN G . 5.85 -5.55 12.97
O2 CTN G . 5.69 -5.63 11.73
N4 CTN G . 5.01 -7.36 15.91
C2' CTN G . 7.17 -2.06 13.15
O2' CTN G . 6.24 -1.23 12.45
C3' CTN G . 8.58 -1.58 12.92
O3' CTN G . 8.57 -0.37 12.17
CL CL H . 14.08 -0.89 12.29
#